data_6D3X
#
_entry.id   6D3X
#
_cell.length_a   78.728
_cell.length_b   80.127
_cell.length_c   83.230
_cell.angle_alpha   90.000
_cell.angle_beta   90.000
_cell.angle_gamma   90.000
#
_symmetry.space_group_name_H-M   'P 21 21 21'
#
loop_
_entity.id
_entity.type
_entity.pdbx_description
1 polymer Plasminogen
2 polymer 'Trypsin inhibitor 1'
3 water water
#
loop_
_entity_poly.entity_id
_entity_poly.type
_entity_poly.pdbx_seq_one_letter_code
_entity_poly.pdbx_strand_id
1 'polypeptide(L)'
;FDCGKPQVEPKKCPGRVVGGCVAHPHSWPWQVSLRTRFGMHFCGGTLISPEWVLTAAHCLEKSPRPSSYKVILGAHQEVN
LEPHVQEIEVSRLFLEPTRKDIALLKLSSPAVITDKVIPACLPSPNYVVADRTECFITGWGETQGTFGAGLLKEAQLPVI
ENKVCNRYEFLNGRVQSTELCAGHLAGGTDSCQGDSGGPLVCFEKDKYILQGVTSWGLGCARPNKPGVYVRVSRFVTWIE
GVMRNN
;
A,B
2 'polypeptide(L)' GRCYKSKPPICFPD C,D
#
# COMPACT_ATOMS: atom_id res chain seq x y z
N PHE A 1 -20.80 -2.38 31.26
CA PHE A 1 -21.13 -1.58 30.08
C PHE A 1 -21.40 -2.45 28.86
N ASP A 2 -22.27 -1.96 27.98
CA ASP A 2 -22.58 -2.60 26.71
C ASP A 2 -21.86 -1.85 25.60
N CYS A 3 -21.40 -2.59 24.58
CA CYS A 3 -20.75 -1.94 23.45
C CYS A 3 -21.68 -0.91 22.83
N GLY A 4 -21.09 0.14 22.25
CA GLY A 4 -21.83 1.08 21.43
C GLY A 4 -22.73 2.04 22.17
N LYS A 5 -22.72 2.04 23.49
CA LYS A 5 -23.60 2.88 24.31
C LYS A 5 -22.76 3.82 25.16
N PRO A 6 -22.58 5.07 24.75
CA PRO A 6 -21.73 5.98 25.52
C PRO A 6 -22.41 6.41 26.82
N GLN A 7 -21.57 6.78 27.79
CA GLN A 7 -22.07 7.30 29.05
CA GLN A 7 -22.03 7.31 29.07
C GLN A 7 -22.28 8.80 29.02
N VAL A 8 -21.59 9.50 28.13
CA VAL A 8 -21.85 10.89 27.80
C VAL A 8 -22.50 10.87 26.42
N GLU A 9 -23.73 11.34 26.32
CA GLU A 9 -24.46 11.24 25.05
C GLU A 9 -23.87 12.21 24.03
N PRO A 10 -23.51 11.74 22.83
CA PRO A 10 -23.01 12.68 21.82
C PRO A 10 -24.12 13.60 21.34
N LYS A 11 -23.71 14.83 21.03
CA LYS A 11 -24.58 15.87 20.52
C LYS A 11 -24.42 15.96 19.00
N LYS A 12 -25.49 16.30 18.30
CA LYS A 12 -25.33 16.75 16.92
C LYS A 12 -24.75 18.17 16.93
N CYS A 13 -24.05 18.54 15.86
CA CYS A 13 -23.42 19.84 15.85
C CYS A 13 -24.47 20.94 15.84
N PRO A 14 -24.24 22.07 16.51
CA PRO A 14 -25.25 23.13 16.55
C PRO A 14 -25.28 23.97 15.28
N VAL A 17 -10.70 16.16 11.08
CA VAL A 17 -12.09 16.35 10.65
C VAL A 17 -12.29 17.78 10.15
N VAL A 18 -12.69 17.91 8.89
CA VAL A 18 -13.04 19.20 8.29
C VAL A 18 -14.53 19.41 8.47
N GLY A 19 -14.91 20.61 8.92
CA GLY A 19 -16.31 20.86 9.26
C GLY A 19 -16.67 20.22 10.59
N GLY A 20 -17.95 19.95 10.78
CA GLY A 20 -18.33 19.31 12.04
C GLY A 20 -18.12 20.24 13.22
N CYS A 21 -17.85 19.64 14.38
CA CYS A 21 -17.69 20.42 15.61
C CYS A 21 -16.89 19.60 16.62
N VAL A 22 -16.47 20.26 17.70
CA VAL A 22 -15.79 19.55 18.77
C VAL A 22 -16.80 18.68 19.50
N ALA A 23 -16.45 17.42 19.75
CA ALA A 23 -17.36 16.51 20.44
C ALA A 23 -17.49 16.88 21.93
N HIS A 24 -18.62 16.48 22.53
CA HIS A 24 -18.68 16.46 23.99
C HIS A 24 -17.60 15.51 24.50
N PRO A 25 -16.79 15.93 25.47
CA PRO A 25 -15.73 15.04 25.94
C PRO A 25 -16.26 13.70 26.42
N HIS A 26 -15.67 12.63 25.90
CA HIS A 26 -15.94 11.23 26.23
C HIS A 26 -17.26 10.73 25.68
N SER A 27 -17.89 11.44 24.75
CA SER A 27 -19.12 10.96 24.14
C SER A 27 -18.86 9.95 23.03
N TRP A 28 -17.59 9.75 22.66
CA TRP A 28 -17.20 8.74 21.68
C TRP A 28 -16.15 7.83 22.32
N PRO A 29 -16.55 7.01 23.30
CA PRO A 29 -15.56 6.37 24.21
C PRO A 29 -14.77 5.24 23.58
N TRP A 30 -15.07 4.84 22.35
CA TRP A 30 -14.29 3.87 21.61
C TRP A 30 -13.19 4.50 20.76
N GLN A 31 -13.17 5.84 20.67
CA GLN A 31 -12.17 6.50 19.85
C GLN A 31 -10.78 6.37 20.47
N VAL A 32 -9.82 5.95 19.67
CA VAL A 32 -8.44 5.70 20.08
C VAL A 32 -7.52 6.63 19.30
N SER A 33 -6.45 7.09 19.95
CA SER A 33 -5.36 7.76 19.24
C SER A 33 -4.20 6.79 19.13
N LEU A 34 -3.77 6.51 17.90
CA LEU A 34 -2.62 5.65 17.66
C LEU A 34 -1.38 6.52 17.57
N ARG A 35 -0.37 6.16 18.38
CA ARG A 35 0.84 6.96 18.50
C ARG A 35 2.08 6.09 18.32
N THR A 36 3.16 6.73 17.88
CA THR A 36 4.46 6.07 17.93
C THR A 36 4.94 6.01 19.39
N ARG A 37 6.00 5.22 19.61
CA ARG A 37 6.56 5.10 20.95
C ARG A 37 6.92 6.46 21.54
N PHE A 38 7.19 7.45 20.69
CA PHE A 38 7.60 8.78 21.12
C PHE A 38 6.48 9.81 20.99
N GLY A 39 5.23 9.38 20.91
CA GLY A 39 4.11 10.26 21.18
C GLY A 39 3.47 10.99 20.02
N MET A 40 3.90 10.73 18.78
CA MET A 40 3.27 11.38 17.64
C MET A 40 1.93 10.71 17.33
N HIS A 41 0.84 11.47 17.43
CA HIS A 41 -0.44 10.98 16.90
C HIS A 41 -0.38 10.98 15.38
N PHE A 42 -0.66 9.84 14.76
CA PHE A 42 -0.66 9.77 13.30
C PHE A 42 -1.88 9.08 12.72
N CYS A 43 -2.73 8.46 13.53
CA CYS A 43 -3.92 7.76 13.05
C CYS A 43 -4.86 7.58 14.22
N GLY A 44 -6.13 7.33 13.90
CA GLY A 44 -7.10 6.91 14.89
C GLY A 44 -7.27 5.39 14.88
N GLY A 45 -8.20 4.95 15.71
CA GLY A 45 -8.59 3.56 15.79
C GLY A 45 -9.89 3.48 16.56
N THR A 46 -10.44 2.28 16.64
CA THR A 46 -11.68 2.07 17.37
C THR A 46 -11.47 0.88 18.31
N LEU A 47 -11.74 1.09 19.60
CA LEU A 47 -11.73 -0.04 20.54
C LEU A 47 -12.94 -0.91 20.26
N ILE A 48 -12.74 -2.22 20.02
CA ILE A 48 -13.84 -3.12 19.74
C ILE A 48 -13.96 -4.23 20.77
N SER A 49 -13.05 -4.30 21.73
CA SER A 49 -13.14 -5.17 22.89
C SER A 49 -12.02 -4.75 23.83
N PRO A 50 -11.98 -5.19 25.08
CA PRO A 50 -10.94 -4.69 25.99
C PRO A 50 -9.52 -4.89 25.49
N GLU A 51 -9.27 -5.86 24.62
CA GLU A 51 -7.92 -6.16 24.18
C GLU A 51 -7.63 -5.78 22.73
N TRP A 52 -8.60 -5.26 21.98
CA TRP A 52 -8.47 -5.17 20.53
C TRP A 52 -8.87 -3.81 19.99
N VAL A 53 -8.03 -3.24 19.12
CA VAL A 53 -8.29 -1.98 18.41
C VAL A 53 -8.30 -2.26 16.92
N LEU A 54 -9.33 -1.76 16.22
CA LEU A 54 -9.41 -1.82 14.77
C LEU A 54 -8.91 -0.50 14.18
N THR A 55 -8.07 -0.60 13.16
CA THR A 55 -7.51 0.59 12.51
C THR A 55 -7.35 0.29 11.02
N ALA A 56 -6.76 1.25 10.28
CA ALA A 56 -6.43 1.06 8.87
C ALA A 56 -5.04 0.48 8.74
N ALA A 57 -4.86 -0.43 7.78
CA ALA A 57 -3.56 -1.07 7.62
C ALA A 57 -2.48 -0.09 7.17
N HIS A 58 -2.82 0.93 6.37
CA HIS A 58 -1.78 1.84 5.91
C HIS A 58 -1.20 2.66 7.05
N CYS A 59 -1.91 2.76 8.17
CA CYS A 59 -1.35 3.41 9.35
C CYS A 59 -0.11 2.73 9.88
N LEU A 60 0.09 1.47 9.56
CA LEU A 60 1.17 0.67 10.13
C LEU A 60 2.38 0.53 9.21
N GLU A 61 2.46 1.31 8.13
CA GLU A 61 3.55 1.11 7.17
C GLU A 61 4.90 1.58 7.71
N LYS A 62 4.91 2.44 8.73
CA LYS A 62 6.18 2.99 9.21
C LYS A 62 7.02 1.95 9.95
N SER A 63 6.39 0.96 10.57
CA SER A 63 7.13 -0.03 11.35
C SER A 63 6.35 -1.34 11.46
N PRO A 64 6.98 -2.49 11.22
CA PRO A 64 6.29 -3.77 11.43
C PRO A 64 6.33 -4.27 12.87
N ARG A 65 6.98 -3.54 13.79
CA ARG A 65 7.14 -4.02 15.16
C ARG A 65 6.01 -3.49 16.05
N PRO A 66 5.32 -4.37 16.79
CA PRO A 66 4.28 -3.89 17.71
C PRO A 66 4.80 -2.90 18.75
N SER A 67 6.04 -3.07 19.22
CA SER A 67 6.58 -2.17 20.23
C SER A 67 6.81 -0.75 19.70
N SER A 68 6.66 -0.50 18.40
CA SER A 68 6.71 0.86 17.89
C SER A 68 5.44 1.65 18.17
N TYR A 69 4.39 1.02 18.70
CA TYR A 69 3.07 1.67 18.76
C TYR A 69 2.51 1.66 20.18
N LYS A 70 1.74 2.70 20.48
CA LYS A 70 0.94 2.69 21.70
C LYS A 70 -0.41 3.34 21.41
N VAL A 71 -1.36 2.97 22.22
CA VAL A 71 -2.74 3.38 22.03
CA VAL A 71 -2.75 3.35 22.04
C VAL A 71 -3.15 4.25 23.21
N ILE A 72 -3.86 5.32 22.90
CA ILE A 72 -4.34 6.30 23.87
C ILE A 72 -5.86 6.16 23.92
N LEU A 73 -6.39 5.83 25.10
CA LEU A 73 -7.82 5.59 25.29
C LEU A 73 -8.40 6.60 26.27
N GLY A 74 -9.63 7.04 26.01
CA GLY A 74 -10.34 7.92 26.93
C GLY A 74 -9.98 9.38 26.81
N ALA A 75 -9.37 9.80 25.70
CA ALA A 75 -8.83 11.14 25.58
C ALA A 75 -9.82 12.06 24.87
N HIS A 76 -9.65 13.35 25.13
CA HIS A 76 -10.34 14.38 24.37
C HIS A 76 -9.37 15.33 23.68
N GLN A 77 -8.30 15.71 24.36
CA GLN A 77 -7.25 16.52 23.77
C GLN A 77 -6.25 15.66 23.01
N GLU A 78 -5.55 16.28 22.07
CA GLU A 78 -4.53 15.56 21.33
C GLU A 78 -3.21 15.52 22.08
N VAL A 79 -2.80 16.62 22.72
CA VAL A 79 -1.45 16.76 23.27
C VAL A 79 -1.44 16.72 24.79
N ASN A 80 -2.24 17.57 25.44
CA ASN A 80 -2.18 17.72 26.90
C ASN A 80 -3.23 16.80 27.53
N LEU A 81 -2.90 15.51 27.59
CA LEU A 81 -3.87 14.49 27.97
C LEU A 81 -4.29 14.63 29.43
N GLU A 82 -5.55 14.28 29.72
CA GLU A 82 -6.08 14.31 31.07
C GLU A 82 -5.47 13.16 31.90
N PRO A 83 -5.52 13.28 33.24
CA PRO A 83 -4.77 12.32 34.07
C PRO A 83 -5.26 10.87 33.96
N HIS A 84 -6.56 10.65 33.79
CA HIS A 84 -7.09 9.31 33.78
C HIS A 84 -6.99 8.61 32.44
N VAL A 85 -6.39 9.25 31.43
CA VAL A 85 -6.24 8.61 30.12
C VAL A 85 -5.43 7.33 30.25
N GLN A 86 -5.79 6.33 29.45
CA GLN A 86 -5.08 5.05 29.43
C GLN A 86 -4.14 4.98 28.24
N GLU A 87 -2.87 4.68 28.51
CA GLU A 87 -1.86 4.51 27.47
C GLU A 87 -1.37 3.07 27.55
N ILE A 88 -1.61 2.29 26.51
CA ILE A 88 -1.28 0.87 26.52
C ILE A 88 -0.42 0.55 25.30
N GLU A 89 0.68 -0.15 25.54
CA GLU A 89 1.54 -0.57 24.43
C GLU A 89 0.84 -1.67 23.61
N VAL A 90 1.18 -1.76 22.33
CA VAL A 90 0.62 -2.78 21.46
C VAL A 90 1.53 -4.00 21.51
N SER A 91 0.95 -5.20 21.60
CA SER A 91 1.75 -6.42 21.63
C SER A 91 1.74 -7.22 20.33
N ARG A 92 0.73 -7.07 19.48
CA ARG A 92 0.65 -7.83 18.25
C ARG A 92 -0.10 -7.03 17.19
N LEU A 93 0.28 -7.21 15.92
CA LEU A 93 -0.32 -6.53 14.79
C LEU A 93 -0.80 -7.57 13.78
N PHE A 94 -2.04 -7.43 13.31
CA PHE A 94 -2.61 -8.35 12.31
C PHE A 94 -3.20 -7.56 11.17
N LEU A 95 -2.67 -7.77 9.97
CA LEU A 95 -3.21 -7.10 8.80
C LEU A 95 -4.16 -8.03 8.07
N GLU A 96 -5.21 -7.44 7.48
CA GLU A 96 -6.17 -8.24 6.73
C GLU A 96 -5.43 -8.99 5.61
N PRO A 97 -5.69 -10.29 5.42
CA PRO A 97 -4.79 -11.10 4.59
C PRO A 97 -4.99 -10.95 3.10
N THR A 98 -6.10 -10.36 2.64
CA THR A 98 -6.24 -10.03 1.23
C THR A 98 -5.81 -8.60 0.91
N ARG A 99 -5.04 -7.98 1.81
CA ARG A 99 -4.36 -6.71 1.59
C ARG A 99 -5.32 -5.53 1.55
N LYS A 100 -6.51 -5.68 2.14
CA LYS A 100 -7.40 -4.54 2.28
C LYS A 100 -6.94 -3.65 3.43
N ASP A 101 -7.43 -2.42 3.45
CA ASP A 101 -6.85 -1.37 4.30
C ASP A 101 -7.41 -1.41 5.73
N ILE A 102 -7.27 -2.56 6.38
CA ILE A 102 -7.82 -2.71 7.73
C ILE A 102 -6.90 -3.62 8.53
N ALA A 103 -6.77 -3.34 9.84
CA ALA A 103 -5.83 -4.09 10.67
C ALA A 103 -6.32 -4.12 12.10
N LEU A 104 -5.81 -5.09 12.84
CA LEU A 104 -6.12 -5.25 14.26
C LEU A 104 -4.85 -5.05 15.08
N LEU A 105 -4.99 -4.35 16.19
CA LEU A 105 -3.93 -4.17 17.19
C LEU A 105 -4.35 -4.89 18.46
N LYS A 106 -3.50 -5.78 18.98
CA LYS A 106 -3.75 -6.39 20.27
CA LYS A 106 -3.76 -6.38 20.27
C LYS A 106 -3.03 -5.58 21.35
N LEU A 107 -3.77 -5.18 22.39
CA LEU A 107 -3.20 -4.41 23.48
C LEU A 107 -2.39 -5.32 24.40
N SER A 108 -1.25 -4.81 24.90
CA SER A 108 -0.41 -5.60 25.78
CA SER A 108 -0.41 -5.62 25.79
C SER A 108 -1.10 -5.92 27.11
N SER A 109 -2.06 -5.08 27.51
CA SER A 109 -2.92 -5.27 28.66
C SER A 109 -4.32 -4.86 28.25
N PRO A 110 -5.36 -5.52 28.77
CA PRO A 110 -6.72 -5.13 28.38
C PRO A 110 -7.02 -3.73 28.89
N ALA A 111 -7.73 -2.96 28.06
CA ALA A 111 -8.22 -1.67 28.51
C ALA A 111 -9.16 -1.88 29.67
N VAL A 112 -9.10 -0.99 30.65
CA VAL A 112 -10.06 -0.98 31.74
C VAL A 112 -11.32 -0.26 31.25
N ILE A 113 -12.45 -0.96 31.28
CA ILE A 113 -13.70 -0.40 30.75
C ILE A 113 -14.25 0.56 31.79
N THR A 114 -14.50 1.81 31.39
CA THR A 114 -14.94 2.87 32.29
C THR A 114 -16.00 3.70 31.58
N ASP A 115 -16.49 4.74 32.28
CA ASP A 115 -17.39 5.68 31.64
C ASP A 115 -16.78 6.33 30.42
N LYS A 116 -15.45 6.39 30.34
CA LYS A 116 -14.76 7.09 29.27
C LYS A 116 -14.12 6.16 28.25
N VAL A 117 -14.14 4.85 28.48
CA VAL A 117 -13.47 3.88 27.61
C VAL A 117 -14.40 2.69 27.45
N ILE A 118 -15.04 2.58 26.29
CA ILE A 118 -16.11 1.61 26.05
C ILE A 118 -15.99 1.16 24.60
N PRO A 119 -16.09 -0.14 24.31
CA PRO A 119 -15.96 -0.59 22.92
C PRO A 119 -17.16 -0.20 22.07
N ALA A 120 -16.93 -0.08 20.77
CA ALA A 120 -18.00 0.02 19.79
C ALA A 120 -18.53 -1.38 19.46
N CYS A 121 -19.74 -1.44 18.91
CA CYS A 121 -20.28 -2.71 18.46
C CYS A 121 -19.90 -3.00 17.03
N LEU A 122 -19.64 -4.27 16.73
CA LEU A 122 -19.40 -4.69 15.36
C LEU A 122 -20.72 -4.96 14.64
N PRO A 123 -20.78 -4.77 13.33
CA PRO A 123 -21.99 -5.13 12.58
C PRO A 123 -22.06 -6.64 12.35
N SER A 124 -23.23 -7.08 11.91
CA SER A 124 -23.36 -8.45 11.46
C SER A 124 -22.63 -8.63 10.13
N PRO A 125 -22.09 -9.82 9.87
CA PRO A 125 -21.29 -10.03 8.66
C PRO A 125 -22.04 -9.64 7.40
N ASN A 126 -21.36 -8.89 6.53
CA ASN A 126 -21.78 -8.54 5.17
C ASN A 126 -23.02 -7.66 5.10
N TYR A 127 -23.45 -7.08 6.21
CA TYR A 127 -24.55 -6.14 6.20
C TYR A 127 -24.18 -4.90 5.39
N VAL A 128 -25.13 -4.41 4.58
CA VAL A 128 -24.90 -3.24 3.73
C VAL A 128 -25.68 -2.08 4.31
N VAL A 129 -24.97 -1.11 4.87
CA VAL A 129 -25.55 0.14 5.35
C VAL A 129 -26.36 0.79 4.25
N ALA A 130 -27.65 1.02 4.51
CA ALA A 130 -28.53 1.52 3.47
C ALA A 130 -28.11 2.92 3.02
N ASP A 131 -28.40 3.21 1.75
CA ASP A 131 -28.21 4.53 1.20
C ASP A 131 -28.91 5.57 2.08
N ARG A 132 -28.23 6.69 2.32
CA ARG A 132 -28.69 7.87 3.08
C ARG A 132 -28.62 7.70 4.59
N THR A 133 -28.18 6.55 5.12
CA THR A 133 -28.10 6.39 6.57
C THR A 133 -27.20 7.46 7.18
N GLU A 134 -27.67 8.07 8.27
CA GLU A 134 -26.91 9.13 8.94
C GLU A 134 -25.94 8.51 9.95
N CYS A 135 -24.65 8.81 9.78
CA CYS A 135 -23.57 8.24 10.58
C CYS A 135 -22.70 9.37 11.11
N PHE A 136 -21.71 9.01 11.92
CA PHE A 136 -20.76 9.96 12.49
C PHE A 136 -19.35 9.47 12.25
N ILE A 137 -18.47 10.41 11.92
CA ILE A 137 -17.03 10.18 11.93
C ILE A 137 -16.44 11.02 13.04
N THR A 138 -15.33 10.54 13.62
CA THR A 138 -14.65 11.27 14.68
C THR A 138 -13.14 11.15 14.51
N GLY A 139 -12.42 12.12 15.08
CA GLY A 139 -10.97 12.02 15.12
C GLY A 139 -10.30 13.36 15.38
N TRP A 140 -8.96 13.30 15.39
CA TRP A 140 -8.09 14.43 15.66
C TRP A 140 -7.36 14.95 14.41
N GLY A 141 -7.84 14.61 13.22
CA GLY A 141 -7.15 14.97 12.00
C GLY A 141 -7.25 16.46 11.64
N GLU A 142 -6.65 16.77 10.49
CA GLU A 142 -6.61 18.13 9.95
C GLU A 142 -8.01 18.71 9.81
N THR A 143 -8.12 20.02 10.05
CA THR A 143 -9.42 20.69 10.04
C THR A 143 -9.62 21.65 8.88
N GLN A 144 -8.57 21.96 8.10
CA GLN A 144 -8.65 22.90 6.98
C GLN A 144 -9.37 24.18 7.36
N GLY A 145 -9.05 24.70 8.54
CA GLY A 145 -9.56 25.99 8.97
C GLY A 145 -10.97 26.01 9.50
N THR A 146 -11.54 24.84 9.82
CA THR A 146 -12.92 24.79 10.27
C THR A 146 -13.04 24.71 11.79
N PHE A 147 -11.96 25.05 12.50
CA PHE A 147 -11.90 25.15 13.96
C PHE A 147 -11.91 23.78 14.64
N GLY A 148 -11.63 23.75 15.94
CA GLY A 148 -11.53 22.52 16.70
C GLY A 148 -10.20 21.81 16.61
N ALA A 149 -9.14 22.47 16.12
CA ALA A 149 -7.84 21.81 16.02
C ALA A 149 -7.35 21.36 17.38
N GLY A 150 -6.79 20.15 17.42
CA GLY A 150 -6.25 19.59 18.65
C GLY A 150 -7.26 19.03 19.62
N LEU A 151 -8.54 19.03 19.27
CA LEU A 151 -9.58 18.46 20.12
C LEU A 151 -10.34 17.39 19.33
N LEU A 152 -10.94 16.44 20.03
CA LEU A 152 -11.67 15.39 19.34
C LEU A 152 -12.88 16.00 18.66
N LYS A 153 -12.97 15.86 17.35
CA LYS A 153 -14.06 16.42 16.56
C LYS A 153 -14.96 15.31 16.04
N GLU A 154 -16.17 15.70 15.66
CA GLU A 154 -17.16 14.82 15.07
C GLU A 154 -17.80 15.50 13.87
N ALA A 155 -18.33 14.69 12.97
CA ALA A 155 -19.20 15.22 11.94
C ALA A 155 -20.24 14.17 11.60
N GLN A 156 -21.46 14.63 11.37
CA GLN A 156 -22.54 13.77 10.92
C GLN A 156 -22.53 13.74 9.41
N LEU A 157 -22.52 12.54 8.83
CA LEU A 157 -22.43 12.35 7.37
C LEU A 157 -23.36 11.25 6.90
N PRO A 158 -24.03 11.45 5.75
CA PRO A 158 -24.86 10.40 5.19
C PRO A 158 -24.04 9.45 4.33
N VAL A 159 -24.41 8.19 4.37
CA VAL A 159 -23.79 7.19 3.52
C VAL A 159 -24.32 7.37 2.10
N ILE A 160 -23.43 7.27 1.11
CA ILE A 160 -23.76 7.35 -0.29
C ILE A 160 -23.50 5.98 -0.90
N GLU A 161 -24.54 5.36 -1.45
CA GLU A 161 -24.40 3.98 -1.95
C GLU A 161 -23.35 3.92 -3.06
N ASN A 162 -22.68 2.76 -3.14
CA ASN A 162 -21.49 2.65 -3.99
C ASN A 162 -21.79 2.95 -5.45
N LYS A 163 -22.95 2.49 -5.94
CA LYS A 163 -23.34 2.70 -7.33
C LYS A 163 -23.34 4.18 -7.69
N VAL A 164 -23.78 5.03 -6.77
CA VAL A 164 -23.82 6.47 -7.01
C VAL A 164 -22.43 7.06 -6.86
N CYS A 165 -21.72 6.71 -5.79
CA CYS A 165 -20.43 7.37 -5.59
CA CYS A 165 -20.39 7.26 -5.50
C CYS A 165 -19.38 6.92 -6.60
N ASN A 166 -19.57 5.78 -7.29
CA ASN A 166 -18.69 5.39 -8.39
C ASN A 166 -18.99 6.07 -9.71
N ARG A 167 -20.02 6.93 -9.77
CA ARG A 167 -20.31 7.63 -11.02
C ARG A 167 -19.14 8.51 -11.45
N TYR A 168 -19.05 8.75 -12.76
CA TYR A 168 -17.97 9.56 -13.30
C TYR A 168 -17.87 10.91 -12.60
N GLU A 169 -19.02 11.53 -12.32
CA GLU A 169 -19.06 12.85 -11.70
C GLU A 169 -18.54 12.84 -10.27
N PHE A 170 -18.45 11.66 -9.64
CA PHE A 170 -18.00 11.62 -8.25
C PHE A 170 -16.63 10.95 -8.19
N LEU A 171 -16.56 9.68 -7.73
CA LEU A 171 -15.26 9.03 -7.63
C LEU A 171 -14.93 8.11 -8.81
N ASN A 172 -15.78 8.04 -9.82
CA ASN A 172 -15.45 7.46 -11.14
C ASN A 172 -14.79 6.09 -11.04
N GLY A 173 -15.53 5.12 -10.49
CA GLY A 173 -15.11 3.72 -10.51
C GLY A 173 -14.06 3.31 -9.51
N ARG A 174 -13.58 4.21 -8.64
CA ARG A 174 -12.48 3.89 -7.76
C ARG A 174 -12.87 3.06 -6.54
N VAL A 175 -14.15 3.02 -6.18
CA VAL A 175 -14.57 2.47 -4.88
C VAL A 175 -14.88 0.99 -5.01
N GLN A 176 -14.26 0.16 -4.16
CA GLN A 176 -14.48 -1.28 -4.19
C GLN A 176 -15.70 -1.66 -3.37
N SER A 177 -16.19 -2.89 -3.58
CA SER A 177 -17.35 -3.34 -2.83
C SER A 177 -17.05 -3.49 -1.34
N THR A 178 -15.79 -3.66 -0.98
CA THR A 178 -15.37 -3.74 0.42
C THR A 178 -15.13 -2.35 1.01
N GLU A 179 -15.56 -1.31 0.32
CA GLU A 179 -15.52 0.06 0.80
C GLU A 179 -16.92 0.65 0.76
N LEU A 180 -17.11 1.72 1.52
CA LEU A 180 -18.32 2.54 1.41
C LEU A 180 -17.94 4.02 1.34
N CYS A 181 -18.87 4.81 0.81
CA CYS A 181 -18.72 6.26 0.69
C CYS A 181 -19.63 6.96 1.70
N ALA A 182 -19.15 8.06 2.25
CA ALA A 182 -19.99 8.91 3.09
C ALA A 182 -19.54 10.36 2.95
N GLY A 183 -20.48 11.27 2.96
CA GLY A 183 -20.14 12.69 2.91
C GLY A 183 -21.26 13.51 2.31
N HIS A 184 -21.09 14.82 2.41
CA HIS A 184 -21.99 15.78 1.79
C HIS A 184 -21.43 16.10 0.41
N LEU A 185 -22.19 15.81 -0.64
CA LEU A 185 -21.65 15.97 -1.99
C LEU A 185 -21.38 17.43 -2.34
N ALA A 186 -22.02 18.39 -1.65
CA ALA A 186 -21.71 19.79 -1.88
C ALA A 186 -20.36 20.21 -1.34
N GLY A 187 -19.71 19.38 -0.55
CA GLY A 187 -18.41 19.69 0.03
C GLY A 187 -18.54 20.26 1.43
N GLY A 188 -17.38 20.42 2.06
CA GLY A 188 -17.28 21.12 3.32
C GLY A 188 -17.13 20.25 4.54
N THR A 189 -17.38 18.94 4.45
CA THR A 189 -17.25 18.08 5.63
C THR A 189 -16.58 16.76 5.26
N ASP A 190 -15.58 16.36 6.04
CA ASP A 190 -14.84 15.16 5.69
C ASP A 190 -13.92 14.75 6.83
N SER A 191 -13.52 13.49 6.80
CA SER A 191 -12.33 13.10 7.52
C SER A 191 -11.11 13.57 6.73
N CYS A 192 -9.99 13.75 7.42
CA CYS A 192 -8.79 14.28 6.77
C CYS A 192 -7.54 13.70 7.43
N GLN A 193 -6.36 14.16 6.99
CA GLN A 193 -5.12 13.50 7.41
C GLN A 193 -4.98 13.53 8.94
N GLY A 194 -4.68 12.37 9.51
CA GLY A 194 -4.75 12.18 10.94
C GLY A 194 -6.00 11.47 11.41
N ASP A 195 -7.03 11.38 10.56
CA ASP A 195 -8.24 10.66 10.93
C ASP A 195 -8.26 9.21 10.50
N SER A 196 -7.37 8.81 9.56
CA SER A 196 -7.30 7.43 9.10
C SER A 196 -7.36 6.46 10.27
N GLY A 197 -8.08 5.35 10.07
CA GLY A 197 -8.14 4.31 11.06
C GLY A 197 -9.25 4.51 12.07
N GLY A 198 -9.79 5.72 12.17
CA GLY A 198 -10.85 6.01 13.11
C GLY A 198 -12.19 5.50 12.63
N PRO A 199 -13.19 5.68 13.48
CA PRO A 199 -14.51 5.08 13.23
C PRO A 199 -15.39 5.90 12.29
N LEU A 200 -16.21 5.17 11.55
CA LEU A 200 -17.49 5.66 11.05
C LEU A 200 -18.56 4.80 11.73
N VAL A 201 -19.35 5.41 12.61
CA VAL A 201 -20.39 4.67 13.34
C VAL A 201 -21.78 5.14 12.92
N CYS A 202 -22.74 4.22 12.96
CA CYS A 202 -24.13 4.57 12.67
C CYS A 202 -25.00 4.09 13.82
N PHE A 203 -25.92 4.94 14.27
CA PHE A 203 -26.81 4.60 15.37
C PHE A 203 -27.90 3.66 14.86
N GLU A 204 -28.01 2.48 15.47
CA GLU A 204 -29.06 1.52 15.14
C GLU A 204 -29.85 1.19 16.40
N LYS A 205 -31.13 1.57 16.42
CA LYS A 205 -32.05 1.28 17.51
C LYS A 205 -31.65 1.96 18.81
N ASP A 206 -30.58 1.49 19.45
CA ASP A 206 -30.21 2.02 20.76
C ASP A 206 -28.71 2.11 20.97
N LYS A 207 -27.89 1.88 19.94
CA LYS A 207 -26.46 1.83 20.11
C LYS A 207 -25.78 2.21 18.81
N TYR A 208 -24.49 2.50 18.89
CA TYR A 208 -23.70 2.85 17.73
C TYR A 208 -22.97 1.61 17.23
N ILE A 209 -23.06 1.36 15.93
CA ILE A 209 -22.42 0.23 15.28
C ILE A 209 -21.30 0.74 14.38
N LEU A 210 -20.12 0.13 14.51
CA LEU A 210 -18.99 0.51 13.66
C LEU A 210 -19.20 -0.02 12.25
N GLN A 211 -19.40 0.88 11.28
CA GLN A 211 -19.64 0.43 9.92
C GLN A 211 -18.50 0.73 8.96
N GLY A 212 -17.65 1.72 9.28
CA GLY A 212 -16.54 2.05 8.42
C GLY A 212 -15.27 2.36 9.18
N VAL A 213 -14.17 2.25 8.46
CA VAL A 213 -12.86 2.65 8.96
C VAL A 213 -12.32 3.71 8.00
N THR A 214 -11.97 4.88 8.53
CA THR A 214 -11.49 5.97 7.70
C THR A 214 -10.26 5.54 6.91
N SER A 215 -10.30 5.76 5.58
CA SER A 215 -9.25 5.20 4.73
C SER A 215 -8.63 6.24 3.82
N TRP A 216 -9.37 6.71 2.80
CA TRP A 216 -8.80 7.61 1.81
C TRP A 216 -9.85 8.50 1.20
N GLY A 217 -9.40 9.47 0.41
CA GLY A 217 -10.28 10.32 -0.36
C GLY A 217 -9.48 11.07 -1.41
N LEU A 218 -10.21 11.75 -2.29
CA LEU A 218 -9.58 12.65 -3.26
C LEU A 218 -9.53 14.02 -2.58
N GLY A 219 -8.44 14.29 -1.87
CA GLY A 219 -8.43 15.45 -1.00
C GLY A 219 -9.40 15.24 0.17
N CYS A 220 -9.79 16.36 0.79
CA CYS A 220 -10.75 16.34 1.90
C CYS A 220 -11.79 17.43 1.66
N ALA A 221 -13.06 17.08 1.84
CA ALA A 221 -14.18 18.01 1.88
C ALA A 221 -14.42 18.72 0.55
N ARG A 222 -13.90 18.16 -0.56
CA ARG A 222 -14.11 18.78 -1.87
C ARG A 222 -15.51 18.47 -2.38
N PRO A 223 -16.16 19.41 -3.07
CA PRO A 223 -17.43 19.10 -3.72
C PRO A 223 -17.30 17.87 -4.61
N ASN A 224 -18.34 17.03 -4.59
CA ASN A 224 -18.47 15.87 -5.46
C ASN A 224 -17.39 14.82 -5.20
N LYS A 225 -16.72 14.88 -4.06
CA LYS A 225 -15.65 13.94 -3.74
CA LYS A 225 -15.65 13.94 -3.74
C LYS A 225 -15.80 13.49 -2.29
N PRO A 226 -16.72 12.55 -2.03
CA PRO A 226 -16.94 12.08 -0.65
C PRO A 226 -15.82 11.15 -0.19
N GLY A 227 -15.71 11.03 1.13
CA GLY A 227 -14.69 10.18 1.71
C GLY A 227 -15.01 8.71 1.55
N VAL A 228 -13.96 7.88 1.56
CA VAL A 228 -14.06 6.44 1.37
C VAL A 228 -13.60 5.74 2.63
N TYR A 229 -14.35 4.71 3.03
CA TYR A 229 -14.18 4.01 4.29
C TYR A 229 -14.15 2.52 4.02
N VAL A 230 -13.35 1.79 4.79
CA VAL A 230 -13.40 0.34 4.65
C VAL A 230 -14.71 -0.16 5.25
N ARG A 231 -15.39 -1.04 4.53
CA ARG A 231 -16.70 -1.54 4.91
C ARG A 231 -16.54 -2.66 5.93
N VAL A 232 -16.71 -2.33 7.23
CA VAL A 232 -16.33 -3.23 8.31
C VAL A 232 -17.10 -4.55 8.23
N SER A 233 -18.37 -4.50 7.83
CA SER A 233 -19.18 -5.72 7.79
C SER A 233 -18.55 -6.80 6.92
N ARG A 234 -17.78 -6.43 5.88
CA ARG A 234 -17.17 -7.44 5.02
C ARG A 234 -15.97 -8.11 5.67
N PHE A 235 -15.55 -7.65 6.85
CA PHE A 235 -14.38 -8.20 7.51
C PHE A 235 -14.67 -8.74 8.91
N VAL A 236 -15.94 -8.75 9.34
CA VAL A 236 -16.27 -9.19 10.70
C VAL A 236 -15.82 -10.62 10.95
N THR A 237 -16.03 -11.52 9.98
CA THR A 237 -15.63 -12.92 10.17
C THR A 237 -14.12 -13.04 10.38
N TRP A 238 -13.33 -12.31 9.60
CA TRP A 238 -11.88 -12.28 9.79
C TRP A 238 -11.52 -11.67 11.15
N ILE A 239 -12.15 -10.55 11.50
CA ILE A 239 -11.86 -9.87 12.75
C ILE A 239 -12.10 -10.80 13.93
N GLU A 240 -13.24 -11.49 13.91
CA GLU A 240 -13.57 -12.35 15.03
C GLU A 240 -12.62 -13.53 15.13
N GLY A 241 -12.20 -14.07 13.98
CA GLY A 241 -11.25 -15.18 14.00
C GLY A 241 -9.94 -14.81 14.64
N VAL A 242 -9.41 -13.63 14.31
CA VAL A 242 -8.17 -13.17 14.93
C VAL A 242 -8.36 -13.03 16.44
N MET A 243 -9.41 -12.31 16.86
N MET A 243 -9.41 -12.32 16.86
CA MET A 243 -9.61 -12.06 18.29
CA MET A 243 -9.61 -12.06 18.29
C MET A 243 -9.75 -13.35 19.07
C MET A 243 -9.76 -13.36 19.06
N ARG A 244 -10.50 -14.32 18.53
CA ARG A 244 -10.76 -15.57 19.25
C ARG A 244 -9.58 -16.52 19.22
N ASN A 245 -8.62 -16.31 18.34
CA ASN A 245 -7.45 -17.19 18.30
C ASN A 245 -6.22 -16.54 18.91
N ASN A 246 -6.37 -15.34 19.46
CA ASN A 246 -5.23 -14.61 19.97
C ASN A 246 -5.57 -13.86 21.25
N PHE B 1 16.24 -2.65 -34.29
CA PHE B 1 16.16 -3.26 -32.97
C PHE B 1 14.74 -3.77 -32.67
N ASP B 2 14.64 -5.08 -32.48
CA ASP B 2 13.42 -5.73 -32.03
C ASP B 2 13.44 -5.78 -30.50
N CYS B 3 12.25 -5.80 -29.89
CA CYS B 3 12.18 -5.89 -28.45
C CYS B 3 12.79 -7.21 -27.99
N GLY B 4 13.32 -7.20 -26.78
CA GLY B 4 13.81 -8.39 -26.11
C GLY B 4 15.08 -8.99 -26.66
N LYS B 5 15.77 -8.31 -27.57
CA LYS B 5 16.98 -8.85 -28.22
C LYS B 5 18.17 -7.95 -27.95
N PRO B 6 18.96 -8.25 -26.93
CA PRO B 6 20.11 -7.40 -26.60
C PRO B 6 21.16 -7.46 -27.69
N GLN B 7 21.95 -6.39 -27.79
CA GLN B 7 23.09 -6.38 -28.70
C GLN B 7 24.33 -6.99 -28.07
N VAL B 8 24.44 -6.94 -26.75
CA VAL B 8 25.43 -7.70 -25.99
C VAL B 8 24.70 -8.87 -25.36
N GLU B 9 25.11 -10.10 -25.69
CA GLU B 9 24.38 -11.27 -25.20
C GLU B 9 24.63 -11.47 -23.71
N PRO B 10 23.59 -11.70 -22.91
CA PRO B 10 23.80 -11.86 -21.47
C PRO B 10 24.58 -13.12 -21.11
N LYS B 11 25.36 -12.99 -20.06
CA LYS B 11 26.13 -14.08 -19.48
CA LYS B 11 26.10 -14.11 -19.55
C LYS B 11 25.22 -14.97 -18.66
N LYS B 12 25.50 -16.27 -18.67
CA LYS B 12 24.97 -17.10 -17.62
C LYS B 12 26.02 -17.12 -16.52
N CYS B 13 25.55 -17.17 -15.30
CA CYS B 13 26.43 -16.90 -14.17
C CYS B 13 27.31 -18.11 -13.89
N PRO B 14 28.65 -18.01 -14.01
CA PRO B 14 29.54 -19.18 -13.92
C PRO B 14 29.72 -19.71 -12.49
N VAL B 17 20.47 -7.39 -5.77
CA VAL B 17 20.53 -8.82 -6.07
C VAL B 17 21.52 -9.51 -5.15
N VAL B 18 21.02 -10.45 -4.35
CA VAL B 18 21.85 -11.30 -3.51
C VAL B 18 22.26 -12.53 -4.32
N GLY B 19 23.54 -12.86 -4.29
CA GLY B 19 24.04 -13.94 -5.13
C GLY B 19 24.12 -13.50 -6.59
N GLY B 20 24.13 -14.49 -7.48
CA GLY B 20 24.21 -14.11 -8.89
C GLY B 20 25.59 -13.56 -9.23
N CYS B 21 25.64 -12.72 -10.26
CA CYS B 21 26.91 -12.12 -10.70
C CYS B 21 26.67 -10.75 -11.31
N VAL B 22 27.77 -10.07 -11.60
CA VAL B 22 27.70 -8.83 -12.36
C VAL B 22 27.41 -9.16 -13.82
N ALA B 23 26.42 -8.48 -14.40
CA ALA B 23 26.07 -8.68 -15.80
C ALA B 23 27.15 -8.14 -16.73
N HIS B 24 27.21 -8.70 -17.93
CA HIS B 24 27.91 -8.03 -19.01
C HIS B 24 27.31 -6.64 -19.19
N PRO B 25 28.12 -5.59 -19.26
CA PRO B 25 27.54 -4.25 -19.47
C PRO B 25 26.68 -4.22 -20.72
N HIS B 26 25.48 -3.66 -20.57
CA HIS B 26 24.51 -3.43 -21.63
C HIS B 26 23.88 -4.71 -22.17
N SER B 27 24.01 -5.84 -21.45
CA SER B 27 23.34 -7.05 -21.87
C SER B 27 21.89 -7.12 -21.40
N TRP B 28 21.44 -6.16 -20.61
CA TRP B 28 20.04 -6.06 -20.20
C TRP B 28 19.56 -4.67 -20.54
N PRO B 29 19.41 -4.36 -21.84
CA PRO B 29 19.32 -2.95 -22.25
C PRO B 29 17.99 -2.30 -21.93
N TRP B 30 17.00 -3.06 -21.46
CA TRP B 30 15.73 -2.53 -20.96
C TRP B 30 15.76 -2.17 -19.49
N GLN B 31 16.84 -2.50 -18.77
CA GLN B 31 16.87 -2.21 -17.33
C GLN B 31 17.05 -0.71 -17.11
N VAL B 32 16.20 -0.12 -16.28
CA VAL B 32 16.37 1.29 -15.97
C VAL B 32 16.48 1.48 -14.46
N SER B 33 17.00 2.65 -14.09
CA SER B 33 17.16 3.06 -12.71
C SER B 33 16.25 4.26 -12.47
N LEU B 34 15.37 4.15 -11.47
CA LEU B 34 14.49 5.25 -11.11
C LEU B 34 15.17 6.09 -10.04
N ARG B 35 15.18 7.40 -10.25
CA ARG B 35 15.88 8.30 -9.35
C ARG B 35 15.01 9.47 -8.95
N THR B 36 15.27 9.98 -7.77
CA THR B 36 14.65 11.16 -7.21
C THR B 36 15.29 12.42 -7.79
N ARG B 37 14.79 13.58 -7.35
CA ARG B 37 15.44 14.84 -7.67
C ARG B 37 16.86 14.90 -7.09
N PHE B 38 17.13 14.16 -6.01
CA PHE B 38 18.46 14.10 -5.43
C PHE B 38 19.39 13.14 -6.16
N GLY B 39 18.89 12.39 -7.14
CA GLY B 39 19.74 11.51 -7.93
C GLY B 39 20.07 10.18 -7.30
N MET B 40 19.27 9.70 -6.35
CA MET B 40 19.54 8.44 -5.67
C MET B 40 18.72 7.32 -6.30
N HIS B 41 19.41 6.24 -6.71
CA HIS B 41 18.71 5.04 -7.13
C HIS B 41 17.87 4.50 -5.98
N PHE B 42 16.58 4.27 -6.22
CA PHE B 42 15.73 3.67 -5.20
C PHE B 42 14.85 2.53 -5.71
N CYS B 43 14.76 2.33 -7.02
CA CYS B 43 13.94 1.29 -7.62
C CYS B 43 14.43 1.08 -9.05
N GLY B 44 14.13 -0.09 -9.59
CA GLY B 44 14.36 -0.37 -10.99
C GLY B 44 13.08 -0.18 -11.79
N GLY B 45 13.20 -0.48 -13.09
CA GLY B 45 12.06 -0.49 -13.98
C GLY B 45 12.49 -1.17 -15.27
N THR B 46 11.52 -1.35 -16.16
CA THR B 46 11.76 -1.99 -17.44
C THR B 46 11.24 -1.08 -18.54
N LEU B 47 12.10 -0.74 -19.50
CA LEU B 47 11.65 -0.03 -20.69
C LEU B 47 10.82 -0.99 -21.55
N ILE B 48 9.57 -0.65 -21.86
CA ILE B 48 8.74 -1.53 -22.68
C ILE B 48 8.35 -0.90 -24.01
N SER B 49 8.74 0.33 -24.25
CA SER B 49 8.60 1.02 -25.53
C SER B 49 9.44 2.28 -25.41
N PRO B 50 9.73 3.00 -26.49
CA PRO B 50 10.55 4.21 -26.34
C PRO B 50 10.00 5.22 -25.34
N GLU B 51 8.69 5.24 -25.09
CA GLU B 51 8.11 6.25 -24.21
C GLU B 51 7.67 5.71 -22.85
N TRP B 52 7.78 4.40 -22.60
CA TRP B 52 7.09 3.82 -21.45
C TRP B 52 7.98 2.90 -20.63
N VAL B 53 7.93 3.08 -19.31
CA VAL B 53 8.66 2.26 -18.34
C VAL B 53 7.65 1.64 -17.40
N LEU B 54 7.80 0.33 -17.16
CA LEU B 54 6.98 -0.41 -16.22
C LEU B 54 7.76 -0.56 -14.92
N THR B 55 7.13 -0.29 -13.79
CA THR B 55 7.79 -0.42 -12.50
C THR B 55 6.76 -0.91 -11.48
N ALA B 56 7.16 -0.96 -10.20
CA ALA B 56 6.25 -1.33 -9.14
C ALA B 56 5.56 -0.10 -8.59
N ALA B 57 4.28 -0.22 -8.24
CA ALA B 57 3.53 0.92 -7.76
C ALA B 57 4.09 1.46 -6.44
N HIS B 58 4.55 0.57 -5.55
CA HIS B 58 5.03 1.01 -4.24
C HIS B 58 6.27 1.89 -4.35
N CYS B 59 7.00 1.80 -5.47
CA CYS B 59 8.14 2.68 -5.68
C CYS B 59 7.74 4.14 -5.73
N LEU B 60 6.47 4.43 -6.02
CA LEU B 60 6.02 5.79 -6.23
C LEU B 60 5.31 6.36 -5.01
N GLU B 61 5.36 5.68 -3.86
CA GLU B 61 4.54 6.10 -2.73
C GLU B 61 5.02 7.41 -2.12
N LYS B 62 6.30 7.74 -2.27
CA LYS B 62 6.84 8.94 -1.65
C LYS B 62 6.41 10.23 -2.35
N SER B 63 5.99 10.15 -3.63
CA SER B 63 5.51 11.37 -4.29
C SER B 63 4.55 11.04 -5.43
N PRO B 64 3.38 11.68 -5.48
CA PRO B 64 2.49 11.49 -6.62
C PRO B 64 2.81 12.35 -7.83
N ARG B 65 3.84 13.22 -7.76
CA ARG B 65 4.05 14.09 -8.92
C ARG B 65 5.08 13.50 -9.86
N PRO B 66 4.78 13.46 -11.16
CA PRO B 66 5.78 12.96 -12.13
C PRO B 66 7.09 13.72 -12.06
N SER B 67 7.07 15.02 -11.75
CA SER B 67 8.28 15.83 -11.72
C SER B 67 9.25 15.43 -10.63
N SER B 68 8.83 14.57 -9.69
CA SER B 68 9.74 14.06 -8.68
C SER B 68 10.71 13.01 -9.22
N TYR B 69 10.54 12.55 -10.47
CA TYR B 69 11.19 11.33 -10.92
C TYR B 69 11.92 11.51 -12.25
N LYS B 70 13.04 10.80 -12.37
CA LYS B 70 13.71 10.67 -13.65
C LYS B 70 14.17 9.23 -13.82
N VAL B 71 14.37 8.84 -15.08
CA VAL B 71 14.76 7.49 -15.42
CA VAL B 71 14.75 7.49 -15.45
C VAL B 71 16.13 7.54 -16.08
N ILE B 72 17.00 6.61 -15.68
CA ILE B 72 18.34 6.50 -16.22
C ILE B 72 18.36 5.23 -17.07
N LEU B 73 18.70 5.37 -18.35
CA LEU B 73 18.70 4.25 -19.28
C LEU B 73 20.09 4.04 -19.84
N GLY B 74 20.43 2.78 -20.12
CA GLY B 74 21.71 2.46 -20.73
C GLY B 74 22.86 2.37 -19.76
N ALA B 75 22.57 2.30 -18.45
CA ALA B 75 23.60 2.37 -17.42
C ALA B 75 24.10 0.98 -17.04
N HIS B 76 25.31 0.95 -16.55
CA HIS B 76 25.86 -0.23 -15.89
C HIS B 76 26.28 0.03 -14.46
N GLN B 77 26.90 1.18 -14.21
CA GLN B 77 27.24 1.62 -12.86
C GLN B 77 26.03 2.23 -12.17
N GLU B 78 26.02 2.13 -10.84
CA GLU B 78 24.96 2.78 -10.08
C GLU B 78 25.32 4.24 -9.79
N VAL B 79 26.58 4.53 -9.52
CA VAL B 79 27.01 5.84 -9.02
C VAL B 79 27.75 6.63 -10.10
N ASN B 80 28.83 6.07 -10.64
CA ASN B 80 29.67 6.79 -11.61
C ASN B 80 29.16 6.51 -13.02
N LEU B 81 28.06 7.16 -13.38
CA LEU B 81 27.41 6.89 -14.66
C LEU B 81 28.34 7.20 -15.84
N GLU B 82 28.27 6.35 -16.86
CA GLU B 82 29.02 6.59 -18.09
C GLU B 82 28.43 7.79 -18.82
N PRO B 83 29.25 8.50 -19.61
CA PRO B 83 28.79 9.81 -20.13
C PRO B 83 27.63 9.71 -21.11
N HIS B 84 27.43 8.57 -21.77
CA HIS B 84 26.39 8.44 -22.79
C HIS B 84 25.06 7.96 -22.26
N VAL B 85 24.90 7.74 -20.95
CA VAL B 85 23.63 7.25 -20.45
C VAL B 85 22.53 8.29 -20.72
N GLN B 86 21.31 7.82 -20.87
CA GLN B 86 20.17 8.70 -21.11
C GLN B 86 19.46 8.98 -19.79
N GLU B 87 19.19 10.24 -19.53
CA GLU B 87 18.46 10.65 -18.33
C GLU B 87 17.25 11.46 -18.76
N ILE B 88 16.06 10.95 -18.48
CA ILE B 88 14.83 11.51 -19.02
C ILE B 88 13.84 11.72 -17.87
N GLU B 89 13.27 12.92 -17.81
CA GLU B 89 12.25 13.20 -16.81
C GLU B 89 10.98 12.40 -17.10
N VAL B 90 10.21 12.13 -16.06
CA VAL B 90 8.90 11.49 -16.22
C VAL B 90 7.84 12.58 -16.34
N SER B 91 6.90 12.38 -17.27
CA SER B 91 5.83 13.34 -17.49
C SER B 91 4.47 12.89 -16.94
N ARG B 92 4.23 11.58 -16.80
CA ARG B 92 2.94 11.08 -16.31
C ARG B 92 3.16 9.77 -15.56
N LEU B 93 2.30 9.52 -14.56
CA LEU B 93 2.32 8.29 -13.77
C LEU B 93 0.94 7.65 -13.83
N PHE B 94 0.90 6.35 -14.10
CA PHE B 94 -0.35 5.60 -14.16
C PHE B 94 -0.24 4.38 -13.27
N LEU B 95 -1.06 4.31 -12.23
CA LEU B 95 -1.06 3.15 -11.37
C LEU B 95 -2.17 2.20 -11.79
N GLU B 96 -1.93 0.90 -11.62
CA GLU B 96 -2.92 -0.10 -11.98
C GLU B 96 -4.21 0.13 -11.19
N PRO B 97 -5.37 0.11 -11.82
CA PRO B 97 -6.59 0.61 -11.15
C PRO B 97 -7.20 -0.35 -10.14
N THR B 98 -6.84 -1.62 -10.13
CA THR B 98 -7.29 -2.52 -9.08
C THR B 98 -6.30 -2.57 -7.91
N ARG B 99 -5.38 -1.61 -7.85
CA ARG B 99 -4.47 -1.39 -6.73
C ARG B 99 -3.41 -2.47 -6.59
N LYS B 100 -3.08 -3.15 -7.69
CA LYS B 100 -1.96 -4.08 -7.67
C LYS B 100 -0.64 -3.32 -7.83
N ASP B 101 0.47 -4.01 -7.54
CA ASP B 101 1.76 -3.34 -7.36
C ASP B 101 2.51 -3.08 -8.66
N ILE B 102 1.86 -2.43 -9.61
CA ILE B 102 2.46 -2.21 -10.92
C ILE B 102 2.03 -0.83 -11.41
N ALA B 103 2.93 -0.16 -12.13
CA ALA B 103 2.67 1.21 -12.57
C ALA B 103 3.44 1.47 -13.87
N LEU B 104 2.96 2.45 -14.61
CA LEU B 104 3.59 2.90 -15.83
C LEU B 104 4.10 4.33 -15.65
N LEU B 105 5.32 4.59 -16.13
CA LEU B 105 5.85 5.93 -16.25
C LEU B 105 5.87 6.32 -17.71
N LYS B 106 5.30 7.46 -18.06
CA LYS B 106 5.49 8.01 -19.39
C LYS B 106 6.70 8.93 -19.38
N LEU B 107 7.64 8.68 -20.30
CA LEU B 107 8.82 9.54 -20.39
C LEU B 107 8.44 10.86 -21.05
N SER B 108 9.07 11.96 -20.60
CA SER B 108 8.77 13.27 -21.16
CA SER B 108 8.77 13.27 -21.16
C SER B 108 9.25 13.41 -22.60
N SER B 109 10.21 12.59 -23.00
CA SER B 109 10.74 12.53 -24.35
C SER B 109 11.04 11.04 -24.57
N PRO B 110 10.79 10.51 -25.75
CA PRO B 110 11.06 9.07 -25.96
C PRO B 110 12.55 8.77 -25.82
N ALA B 111 12.86 7.63 -25.23
CA ALA B 111 14.24 7.16 -25.20
C ALA B 111 14.73 6.91 -26.62
N VAL B 112 15.97 7.30 -26.91
CA VAL B 112 16.59 6.97 -28.18
C VAL B 112 16.98 5.49 -28.15
N ILE B 113 16.55 4.73 -29.14
CA ILE B 113 16.80 3.30 -29.16
C ILE B 113 18.19 3.07 -29.76
N THR B 114 19.06 2.44 -28.99
CA THR B 114 20.47 2.24 -29.32
C THR B 114 20.86 0.81 -29.00
N ASP B 115 22.15 0.51 -29.22
CA ASP B 115 22.73 -0.78 -28.82
C ASP B 115 22.59 -1.03 -27.34
N LYS B 116 22.46 0.03 -26.54
CA LYS B 116 22.46 -0.07 -25.09
C LYS B 116 21.09 0.18 -24.46
N VAL B 117 20.11 0.61 -25.25
CA VAL B 117 18.78 0.95 -24.75
C VAL B 117 17.75 0.38 -25.71
N ILE B 118 17.12 -0.71 -25.32
CA ILE B 118 16.23 -1.50 -26.18
C ILE B 118 15.10 -1.96 -25.28
N PRO B 119 13.84 -1.87 -25.71
CA PRO B 119 12.73 -2.35 -24.86
C PRO B 119 12.67 -3.87 -24.75
N ALA B 120 12.14 -4.35 -23.61
CA ALA B 120 11.80 -5.74 -23.48
C ALA B 120 10.47 -6.01 -24.18
N CYS B 121 10.19 -7.28 -24.46
CA CYS B 121 8.91 -7.65 -25.03
C CYS B 121 7.88 -7.93 -23.95
N LEU B 122 6.61 -7.59 -24.25
CA LEU B 122 5.52 -7.95 -23.36
C LEU B 122 5.00 -9.35 -23.69
N PRO B 123 4.46 -10.08 -22.72
CA PRO B 123 3.89 -11.40 -23.01
C PRO B 123 2.47 -11.27 -23.55
N SER B 124 1.96 -12.38 -24.07
CA SER B 124 0.57 -12.42 -24.45
C SER B 124 -0.31 -12.38 -23.20
N PRO B 125 -1.51 -11.82 -23.30
CA PRO B 125 -2.38 -11.70 -22.11
C PRO B 125 -2.61 -13.04 -21.43
N ASN B 126 -2.45 -13.04 -20.10
CA ASN B 126 -2.74 -14.17 -19.21
C ASN B 126 -1.81 -15.36 -19.41
N TYR B 127 -0.70 -15.20 -20.13
CA TYR B 127 0.29 -16.25 -20.23
C TYR B 127 0.77 -16.69 -18.84
N VAL B 128 0.96 -18.00 -18.66
CA VAL B 128 1.44 -18.56 -17.40
C VAL B 128 2.85 -19.12 -17.62
N VAL B 129 3.83 -18.55 -16.92
CA VAL B 129 5.19 -19.09 -16.97
C VAL B 129 5.22 -20.41 -16.22
N ALA B 130 5.75 -21.44 -16.87
CA ALA B 130 5.70 -22.79 -16.34
C ALA B 130 6.60 -22.96 -15.12
N ASP B 131 6.17 -23.87 -14.23
CA ASP B 131 6.98 -24.26 -13.09
C ASP B 131 8.38 -24.67 -13.55
N ARG B 132 9.40 -24.24 -12.79
CA ARG B 132 10.81 -24.53 -12.98
C ARG B 132 11.40 -23.86 -14.22
N THR B 133 10.66 -22.97 -14.89
CA THR B 133 11.24 -22.19 -15.99
C THR B 133 12.35 -21.30 -15.44
N GLU B 134 13.47 -21.27 -16.18
CA GLU B 134 14.62 -20.47 -15.77
C GLU B 134 14.52 -19.07 -16.38
N CYS B 135 14.41 -18.08 -15.53
CA CYS B 135 14.28 -16.68 -15.89
C CYS B 135 15.43 -15.92 -15.26
N PHE B 136 15.52 -14.63 -15.54
CA PHE B 136 16.57 -13.79 -14.99
C PHE B 136 15.95 -12.59 -14.31
N ILE B 137 16.50 -12.23 -13.15
CA ILE B 137 16.21 -10.94 -12.53
C ILE B 137 17.47 -10.10 -12.59
N THR B 138 17.31 -8.78 -12.71
CA THR B 138 18.44 -7.87 -12.73
C THR B 138 18.14 -6.66 -11.87
N GLY B 139 19.20 -5.98 -11.44
CA GLY B 139 19.02 -4.73 -10.71
C GLY B 139 20.27 -4.33 -9.94
N TRP B 140 20.15 -3.16 -9.29
CA TRP B 140 21.23 -2.55 -8.51
C TRP B 140 20.99 -2.63 -6.99
N GLY B 141 20.10 -3.51 -6.55
CA GLY B 141 19.72 -3.56 -5.15
C GLY B 141 20.75 -4.21 -4.26
N GLU B 142 20.38 -4.33 -2.99
CA GLU B 142 21.25 -4.85 -1.94
C GLU B 142 21.80 -6.22 -2.31
N THR B 143 23.04 -6.49 -1.90
CA THR B 143 23.67 -7.76 -2.23
C THR B 143 23.91 -8.66 -1.03
N GLN B 144 23.66 -8.16 0.19
CA GLN B 144 23.91 -8.91 1.43
C GLN B 144 25.27 -9.57 1.41
N GLY B 145 26.30 -8.76 1.15
CA GLY B 145 27.67 -9.21 1.26
C GLY B 145 28.16 -10.09 0.13
N THR B 146 27.32 -10.40 -0.85
CA THR B 146 27.79 -11.06 -2.05
C THR B 146 28.38 -10.02 -3.00
N PHE B 147 29.22 -10.49 -3.92
CA PHE B 147 30.00 -9.59 -4.77
C PHE B 147 29.08 -8.69 -5.62
N GLY B 148 29.64 -7.59 -6.11
CA GLY B 148 29.01 -6.82 -7.18
C GLY B 148 28.22 -5.60 -6.78
N ALA B 149 28.29 -5.16 -5.52
CA ALA B 149 27.56 -3.97 -5.11
C ALA B 149 27.96 -2.77 -5.96
N GLY B 150 26.97 -2.00 -6.41
CA GLY B 150 27.23 -0.84 -7.24
C GLY B 150 27.26 -1.09 -8.74
N LEU B 151 27.18 -2.34 -9.17
CA LEU B 151 27.14 -2.71 -10.57
C LEU B 151 25.85 -3.45 -10.88
N LEU B 152 25.44 -3.42 -12.14
CA LEU B 152 24.21 -4.11 -12.50
C LEU B 152 24.41 -5.62 -12.37
N LYS B 153 23.60 -6.27 -11.54
CA LYS B 153 23.74 -7.70 -11.31
C LYS B 153 22.57 -8.45 -11.94
N GLU B 154 22.78 -9.75 -12.12
CA GLU B 154 21.76 -10.65 -12.62
C GLU B 154 21.77 -11.92 -11.78
N ALA B 155 20.66 -12.63 -11.82
CA ALA B 155 20.61 -13.97 -11.27
C ALA B 155 19.61 -14.78 -12.07
N GLN B 156 19.96 -16.03 -12.36
CA GLN B 156 19.05 -16.94 -13.01
C GLN B 156 18.24 -17.66 -11.94
N LEU B 157 16.91 -17.56 -12.02
CA LEU B 157 16.07 -18.15 -10.99
C LEU B 157 14.98 -19.01 -11.62
N PRO B 158 14.63 -20.13 -10.99
CA PRO B 158 13.50 -20.92 -11.46
C PRO B 158 12.19 -20.37 -10.92
N VAL B 159 11.17 -20.38 -11.77
CA VAL B 159 9.82 -20.03 -11.34
C VAL B 159 9.22 -21.19 -10.55
N ILE B 160 8.49 -20.87 -9.49
CA ILE B 160 7.80 -21.86 -8.65
C ILE B 160 6.31 -21.59 -8.79
N GLU B 161 5.55 -22.63 -9.13
CA GLU B 161 4.13 -22.39 -9.38
C GLU B 161 3.42 -21.97 -8.10
N ASN B 162 2.39 -21.14 -8.26
CA ASN B 162 1.79 -20.47 -7.11
C ASN B 162 1.29 -21.45 -6.07
N LYS B 163 0.67 -22.55 -6.51
CA LYS B 163 0.09 -23.51 -5.57
C LYS B 163 1.14 -24.13 -4.69
N VAL B 164 2.37 -24.29 -5.20
CA VAL B 164 3.47 -24.79 -4.39
C VAL B 164 4.00 -23.68 -3.47
N CYS B 165 4.25 -22.50 -4.03
CA CYS B 165 4.80 -21.37 -3.27
CA CYS B 165 4.86 -21.50 -3.17
C CYS B 165 3.91 -20.99 -2.10
N ASN B 166 2.59 -21.21 -2.23
CA ASN B 166 1.65 -20.85 -1.18
C ASN B 166 1.52 -21.91 -0.07
N ARG B 167 2.24 -23.03 -0.16
CA ARG B 167 2.21 -24.01 0.92
C ARG B 167 2.69 -23.39 2.22
N TYR B 168 2.19 -23.93 3.33
CA TYR B 168 2.56 -23.44 4.64
C TYR B 168 4.08 -23.34 4.81
N GLU B 169 4.81 -24.38 4.37
CA GLU B 169 6.26 -24.39 4.52
C GLU B 169 6.97 -23.33 3.70
N PHE B 170 6.28 -22.68 2.76
CA PHE B 170 6.91 -21.66 1.92
C PHE B 170 6.29 -20.32 2.28
N LEU B 171 5.45 -19.74 1.43
CA LEU B 171 4.90 -18.40 1.70
C LEU B 171 3.50 -18.44 2.31
N ASN B 172 2.95 -19.63 2.59
CA ASN B 172 1.77 -19.81 3.43
C ASN B 172 0.59 -18.90 3.04
N GLY B 173 0.12 -19.05 1.81
CA GLY B 173 -1.12 -18.41 1.40
C GLY B 173 -1.02 -16.94 1.01
N ARG B 174 0.18 -16.35 1.01
CA ARG B 174 0.30 -14.91 0.78
C ARG B 174 0.22 -14.52 -0.70
N VAL B 175 0.52 -15.43 -1.62
CA VAL B 175 0.73 -15.04 -3.02
C VAL B 175 -0.60 -15.00 -3.77
N GLN B 176 -0.88 -13.87 -4.40
CA GLN B 176 -2.09 -13.72 -5.19
C GLN B 176 -1.90 -14.31 -6.58
N SER B 177 -3.02 -14.53 -7.28
CA SER B 177 -2.91 -15.10 -8.63
C SER B 177 -2.30 -14.13 -9.62
N THR B 178 -2.29 -12.83 -9.31
CA THR B 178 -1.66 -11.82 -10.15
C THR B 178 -0.19 -11.62 -9.79
N GLU B 179 0.39 -12.54 -9.03
CA GLU B 179 1.80 -12.60 -8.68
C GLU B 179 2.38 -13.92 -9.14
N LEU B 180 3.71 -13.99 -9.19
CA LEU B 180 4.37 -15.28 -9.35
C LEU B 180 5.58 -15.34 -8.43
N CYS B 181 6.05 -16.57 -8.20
CA CYS B 181 7.19 -16.85 -7.32
C CYS B 181 8.38 -17.33 -8.14
N ALA B 182 9.58 -16.91 -7.73
CA ALA B 182 10.81 -17.35 -8.36
C ALA B 182 11.91 -17.37 -7.30
N GLY B 183 12.76 -18.38 -7.35
CA GLY B 183 13.87 -18.47 -6.42
C GLY B 183 14.30 -19.91 -6.22
N HIS B 184 15.51 -20.08 -5.69
CA HIS B 184 15.97 -21.39 -5.23
C HIS B 184 15.44 -21.61 -3.82
N LEU B 185 14.68 -22.67 -3.62
CA LEU B 185 14.09 -22.89 -2.30
C LEU B 185 15.15 -23.12 -1.23
N ALA B 186 16.36 -23.56 -1.61
CA ALA B 186 17.42 -23.73 -0.61
C ALA B 186 18.00 -22.41 -0.13
N GLY B 187 17.62 -21.30 -0.74
CA GLY B 187 18.12 -19.98 -0.38
C GLY B 187 19.37 -19.63 -1.16
N GLY B 188 19.83 -18.39 -0.92
CA GLY B 188 21.11 -17.94 -1.40
C GLY B 188 21.08 -16.90 -2.52
N THR B 189 20.00 -16.84 -3.29
CA THR B 189 19.91 -15.95 -4.45
C THR B 189 18.54 -15.26 -4.48
N ASP B 190 18.52 -13.94 -4.68
CA ASP B 190 17.24 -13.24 -4.64
C ASP B 190 17.39 -11.81 -5.12
N SER B 191 16.26 -11.22 -5.52
CA SER B 191 16.16 -9.78 -5.57
C SER B 191 16.05 -9.24 -4.14
N CYS B 192 16.49 -7.99 -3.94
CA CYS B 192 16.51 -7.40 -2.60
C CYS B 192 16.26 -5.90 -2.70
N GLN B 193 16.33 -5.21 -1.56
CA GLN B 193 15.88 -3.82 -1.53
C GLN B 193 16.70 -2.98 -2.50
N GLY B 194 15.99 -2.19 -3.33
CA GLY B 194 16.59 -1.50 -4.43
C GLY B 194 16.33 -2.15 -5.77
N ASP B 195 15.92 -3.42 -5.77
CA ASP B 195 15.59 -4.12 -7.00
C ASP B 195 14.12 -3.99 -7.39
N SER B 196 13.26 -3.57 -6.45
CA SER B 196 11.84 -3.39 -6.76
C SER B 196 11.63 -2.64 -8.06
N GLY B 197 10.60 -3.06 -8.79
CA GLY B 197 10.21 -2.43 -10.02
C GLY B 197 10.96 -2.95 -11.24
N GLY B 198 12.09 -3.62 -11.03
CA GLY B 198 12.87 -4.15 -12.12
C GLY B 198 12.28 -5.41 -12.70
N PRO B 199 12.94 -5.90 -13.76
CA PRO B 199 12.38 -7.01 -14.54
C PRO B 199 12.72 -8.39 -14.00
N LEU B 200 11.77 -9.29 -14.22
CA LEU B 200 12.02 -10.71 -14.33
C LEU B 200 11.70 -11.09 -15.78
N VAL B 201 12.70 -11.55 -16.53
CA VAL B 201 12.50 -11.87 -17.93
C VAL B 201 12.79 -13.35 -18.16
N CYS B 202 12.09 -13.92 -19.12
CA CYS B 202 12.29 -15.33 -19.47
C CYS B 202 12.55 -15.42 -20.97
N PHE B 203 13.55 -16.20 -21.33
CA PHE B 203 13.91 -16.38 -22.73
C PHE B 203 12.91 -17.31 -23.40
N GLU B 204 12.30 -16.85 -24.48
CA GLU B 204 11.35 -17.66 -25.25
C GLU B 204 11.77 -17.64 -26.71
N LYS B 205 12.25 -18.78 -27.20
CA LYS B 205 12.61 -19.00 -28.60
C LYS B 205 13.84 -18.19 -29.01
N ASP B 206 13.72 -16.87 -29.12
CA ASP B 206 14.84 -16.05 -29.55
C ASP B 206 14.90 -14.69 -28.87
N LYS B 207 14.10 -14.45 -27.84
CA LYS B 207 14.09 -13.13 -27.23
C LYS B 207 13.62 -13.25 -25.78
N TYR B 208 13.83 -12.18 -25.02
CA TYR B 208 13.47 -12.15 -23.61
C TYR B 208 12.12 -11.48 -23.47
N ILE B 209 11.21 -12.14 -22.76
CA ILE B 209 9.87 -11.63 -22.50
C ILE B 209 9.79 -11.21 -21.04
N LEU B 210 9.24 -10.02 -20.80
CA LEU B 210 9.03 -9.54 -19.44
C LEU B 210 7.86 -10.28 -18.81
N GLN B 211 8.13 -11.10 -17.78
CA GLN B 211 7.07 -11.84 -17.15
C GLN B 211 6.74 -11.39 -15.73
N GLY B 212 7.67 -10.70 -15.08
CA GLY B 212 7.45 -10.29 -13.70
C GLY B 212 8.04 -8.92 -13.42
N VAL B 213 7.49 -8.31 -12.38
CA VAL B 213 8.03 -7.07 -11.83
C VAL B 213 8.36 -7.35 -10.38
N THR B 214 9.62 -7.09 -10.00
CA THR B 214 10.08 -7.33 -8.64
C THR B 214 9.22 -6.57 -7.66
N SER B 215 8.70 -7.29 -6.65
CA SER B 215 7.73 -6.65 -5.76
C SER B 215 8.12 -6.83 -4.29
N TRP B 216 8.02 -8.05 -3.75
CA TRP B 216 8.27 -8.21 -2.32
C TRP B 216 8.81 -9.59 -2.00
N GLY B 217 9.25 -9.75 -0.75
CA GLY B 217 9.62 -11.06 -0.23
C GLY B 217 9.56 -11.05 1.28
N LEU B 218 9.68 -12.26 1.85
CA LEU B 218 9.93 -12.43 3.29
C LEU B 218 11.45 -12.39 3.44
N GLY B 219 12.00 -11.19 3.63
CA GLY B 219 13.43 -11.07 3.60
C GLY B 219 13.94 -11.28 2.18
N CYS B 220 15.24 -11.56 2.08
CA CYS B 220 15.89 -11.85 0.79
C CYS B 220 16.76 -13.09 0.94
N ALA B 221 16.63 -14.03 0.00
CA ALA B 221 17.52 -15.18 -0.15
C ALA B 221 17.39 -16.19 0.98
N ARG B 222 16.32 -16.13 1.78
CA ARG B 222 16.19 -17.10 2.86
C ARG B 222 15.68 -18.44 2.33
N PRO B 223 16.10 -19.55 2.94
CA PRO B 223 15.54 -20.86 2.57
C PRO B 223 14.02 -20.88 2.68
N ASN B 224 13.39 -21.55 1.71
CA ASN B 224 11.94 -21.78 1.67
C ASN B 224 11.14 -20.50 1.58
N LYS B 225 11.76 -19.40 1.13
CA LYS B 225 11.12 -18.10 1.05
C LYS B 225 11.51 -17.44 -0.27
N PRO B 226 10.89 -17.86 -1.37
CA PRO B 226 11.22 -17.29 -2.68
C PRO B 226 10.65 -15.88 -2.81
N GLY B 227 11.21 -15.13 -3.76
CA GLY B 227 10.73 -13.79 -4.04
C GLY B 227 9.43 -13.80 -4.82
N VAL B 228 8.68 -12.70 -4.66
CA VAL B 228 7.36 -12.58 -5.26
C VAL B 228 7.38 -11.42 -6.25
N TYR B 229 6.79 -11.64 -7.43
CA TYR B 229 6.83 -10.72 -8.55
C TYR B 229 5.41 -10.52 -9.06
N VAL B 230 5.12 -9.31 -9.54
CA VAL B 230 3.82 -9.10 -10.18
C VAL B 230 3.81 -9.82 -11.52
N ARG B 231 2.73 -10.54 -11.79
CA ARG B 231 2.64 -11.36 -13.00
C ARG B 231 2.20 -10.46 -14.16
N VAL B 232 3.17 -10.05 -15.00
CA VAL B 232 2.92 -9.02 -16.01
C VAL B 232 1.81 -9.43 -16.98
N SER B 233 1.74 -10.73 -17.33
CA SER B 233 0.77 -11.16 -18.33
C SER B 233 -0.67 -10.82 -17.92
N ARG B 234 -0.94 -10.72 -16.62
CA ARG B 234 -2.29 -10.42 -16.15
C ARG B 234 -2.65 -8.95 -16.33
N PHE B 235 -1.69 -8.10 -16.71
CA PHE B 235 -1.89 -6.66 -16.83
C PHE B 235 -1.60 -6.12 -18.22
N VAL B 236 -1.26 -6.98 -19.19
CA VAL B 236 -0.90 -6.50 -20.52
C VAL B 236 -2.04 -5.72 -21.17
N THR B 237 -3.29 -6.18 -20.98
CA THR B 237 -4.43 -5.46 -21.56
C THR B 237 -4.54 -4.05 -20.99
N TRP B 238 -4.38 -3.90 -19.67
CA TRP B 238 -4.38 -2.58 -19.06
C TRP B 238 -3.19 -1.74 -19.54
N ILE B 239 -1.99 -2.34 -19.56
CA ILE B 239 -0.81 -1.64 -20.03
C ILE B 239 -1.01 -1.13 -21.45
N GLU B 240 -1.48 -2.00 -22.35
CA GLU B 240 -1.66 -1.60 -23.75
C GLU B 240 -2.69 -0.48 -23.87
N GLY B 241 -3.78 -0.56 -23.10
CA GLY B 241 -4.77 0.51 -23.09
C GLY B 241 -4.19 1.86 -22.69
N VAL B 242 -3.33 1.87 -21.66
CA VAL B 242 -2.75 3.13 -21.21
C VAL B 242 -1.82 3.69 -22.29
N MET B 243 -0.95 2.83 -22.84
N MET B 243 -0.96 2.83 -22.86
CA MET B 243 0.03 3.28 -23.82
CA MET B 243 0.02 3.32 -23.82
C MET B 243 -0.66 3.85 -25.06
C MET B 243 -0.66 3.85 -25.07
N ARG B 244 -1.74 3.19 -25.52
CA ARG B 244 -2.42 3.59 -26.73
C ARG B 244 -3.26 4.84 -26.55
N ASN B 245 -3.65 5.18 -25.33
CA ASN B 245 -4.45 6.38 -25.10
C ASN B 245 -3.62 7.54 -24.59
N ASN B 246 -2.30 7.40 -24.54
CA ASN B 246 -1.45 8.46 -24.05
C ASN B 246 -0.16 8.57 -24.88
N GLY C 1 -4.86 11.06 -7.46
CA GLY C 1 -5.40 11.99 -6.48
C GLY C 1 -5.84 11.36 -5.18
N ARG C 2 -5.76 10.03 -5.11
CA ARG C 2 -6.15 9.30 -3.91
C ARG C 2 -5.11 9.53 -2.80
N CYS C 3 -5.57 9.99 -1.64
CA CYS C 3 -4.69 10.23 -0.49
C CYS C 3 -5.25 9.48 0.72
N TYR C 4 -4.46 8.56 1.29
CA TYR C 4 -4.82 7.89 2.52
C TYR C 4 -4.59 8.83 3.69
N LYS C 5 -5.56 8.88 4.60
CA LYS C 5 -5.68 9.99 5.54
C LYS C 5 -4.87 9.79 6.83
N SER C 6 -3.70 9.16 6.72
CA SER C 6 -2.77 9.14 7.84
C SER C 6 -2.05 10.49 7.92
N LYS C 7 -1.27 10.66 8.99
CA LYS C 7 -0.45 11.86 9.14
C LYS C 7 1.02 11.45 9.25
N PRO C 8 1.86 11.69 8.24
CA PRO C 8 1.51 12.30 6.94
C PRO C 8 0.72 11.33 6.06
N PRO C 9 0.00 11.87 5.09
CA PRO C 9 -0.80 11.01 4.22
C PRO C 9 0.07 10.30 3.19
N ILE C 10 -0.50 9.26 2.60
CA ILE C 10 0.11 8.57 1.47
C ILE C 10 -0.71 8.91 0.25
N CYS C 11 -0.14 9.66 -0.70
CA CYS C 11 -0.85 10.18 -1.84
C CYS C 11 -0.37 9.53 -3.13
N PHE C 12 -1.29 9.36 -4.07
CA PHE C 12 -1.04 8.65 -5.32
C PHE C 12 -1.43 9.51 -6.50
N PRO C 13 -0.88 9.23 -7.68
CA PRO C 13 -1.04 10.14 -8.83
C PRO C 13 -2.48 10.35 -9.27
N ASP C 14 -3.39 9.44 -8.96
CA ASP C 14 -4.77 9.62 -9.41
C ASP C 14 -5.55 10.46 -8.41
N GLY D 1 5.67 -9.86 7.77
CA GLY D 1 6.87 -10.39 7.17
C GLY D 1 7.16 -9.86 5.78
N ARG D 2 6.12 -9.43 5.07
CA ARG D 2 6.29 -8.85 3.73
C ARG D 2 7.19 -7.62 3.79
N CYS D 3 8.25 -7.62 2.98
CA CYS D 3 9.04 -6.41 2.75
C CYS D 3 9.08 -6.14 1.26
N TYR D 4 8.55 -4.99 0.86
CA TYR D 4 8.61 -4.56 -0.53
C TYR D 4 10.00 -4.03 -0.84
N LYS D 5 10.54 -4.42 -1.99
CA LYS D 5 11.99 -4.33 -2.17
C LYS D 5 12.45 -2.99 -2.74
N SER D 6 11.85 -1.89 -2.30
CA SER D 6 12.35 -0.57 -2.65
C SER D 6 13.49 -0.18 -1.69
N LYS D 7 14.10 0.97 -1.94
CA LYS D 7 15.14 1.49 -1.05
C LYS D 7 14.71 2.87 -0.57
N PRO D 8 14.34 3.06 0.71
CA PRO D 8 14.24 2.03 1.74
C PRO D 8 13.02 1.14 1.49
N PRO D 9 12.99 -0.05 2.06
CA PRO D 9 11.86 -0.95 1.82
C PRO D 9 10.66 -0.54 2.66
N ILE D 10 9.52 -1.12 2.31
CA ILE D 10 8.29 -1.00 3.09
C ILE D 10 7.99 -2.37 3.67
N CYS D 11 8.03 -2.48 5.00
CA CYS D 11 7.95 -3.78 5.66
C CYS D 11 6.68 -3.86 6.50
N PHE D 12 6.03 -5.01 6.47
CA PHE D 12 4.76 -5.19 7.15
C PHE D 12 4.88 -6.25 8.24
N PRO D 13 3.96 -6.26 9.21
CA PRO D 13 4.10 -7.15 10.38
C PRO D 13 4.10 -8.64 10.03
N ASP D 14 3.63 -9.03 8.86
CA ASP D 14 3.57 -10.46 8.53
C ASP D 14 4.85 -10.92 7.84
#